data_4MXQ
#
_entry.id   4MXQ
#
_cell.length_a   102.719
_cell.length_b   102.719
_cell.length_c   322.944
_cell.angle_alpha   90.00
_cell.angle_beta   90.00
_cell.angle_gamma   120.00
#
_symmetry.space_group_name_H-M   'P 61 2 2'
#
loop_
_entity.id
_entity.type
_entity.pdbx_description
1 polymer '42F3 alpha VmVh chimera'
2 polymer '42F3 beta VmVh chimera'
3 polymer 'H-2 class I histocompatibility antigen, L-D alpha chain'
4 polymer pCPC5
5 water water
#
loop_
_entity_poly.entity_id
_entity_poly.type
_entity_poly.pdbx_seq_one_letter_code
_entity_poly.pdbx_strand_id
1 'polypeptide(L)'
;GSHMAQSVTQPDARVTVSEGASLQLRCKYSYSATPYLFWYVQYPRQGLQMLLKYYSGDPVVQGVNGFEAEFSKSDSSFHL
RKASVHWSDSAVYFCAVSAKGTGSKLSFGKGAKLTVSPNIQNPDPAVYQLRDSKSSDKSVCLFTDFDSQTNVSQSKDSDV
YITDKCVLDMRSMDFKSNSAVAWSNKSDFACANAFNNSIIPEDTFFPSPESS
;
C
2 'polypeptide(L)'
;MGEAAVTQSPRNKVTVTGGNVTLSCRQTNSHNYMYWYRQDTGHGLRLIHYSYGAGNLQIGDVPDGYKATRTTQEDFFLLL
ELASPSQTSLYFCASSDAPGQLYFGEGSKLTVLEDLKNVFPPEVAVFEPSEAEISHTQKATLVCLATGFYPDHVELSWWV
NGKEVHSGVCTDPQPLKEQPALNDSRYALSSRLRVSATFWQNPRNHFRCQVQFYGLSENDEWTQDRAKPVTQIVSAEAWG
RAD
;
D
3 'polypeptide(L)'
;MGPHSMRYYETATSRRGLGEPRYTSVGYVDDKEFVRFDSDAENPRYEPQVPWMEQEGPEYWERITQIAKGQEQWFRVNLR
TLLGYYNQSAGGTHTLQWMYGCDVGSDGRLLRGYEQFAYDGCDYIALNEDLRTWTAADMAAQITRRKWEQAGAAEYYRAY
LEGECVEWLHRYLKNGNATL
;
A
4 'polypeptide(L)' SPAPRPLDL B
#
# COMPACT_ATOMS: atom_id res chain seq x y z
N GLN A 6 5.79 1.82 20.34
CA GLN A 6 5.76 1.61 18.90
C GLN A 6 4.76 2.54 18.23
N SER A 7 5.27 3.42 17.38
CA SER A 7 4.40 4.33 16.63
C SER A 7 5.11 4.98 15.45
N VAL A 8 4.33 5.32 14.43
CA VAL A 8 4.81 6.09 13.30
C VAL A 8 3.83 7.24 13.08
N THR A 9 4.33 8.47 13.07
CA THR A 9 3.47 9.64 13.01
C THR A 9 3.70 10.55 11.82
N GLN A 10 2.64 10.73 11.02
CA GLN A 10 2.60 11.76 10.00
C GLN A 10 1.64 12.85 10.49
N PRO A 11 2.15 14.08 10.66
CA PRO A 11 1.38 15.16 11.28
C PRO A 11 0.19 15.65 10.46
N ASP A 12 0.39 15.79 9.15
CA ASP A 12 -0.65 16.37 8.29
C ASP A 12 -1.35 15.31 7.45
N ALA A 13 -2.64 15.12 7.71
CA ALA A 13 -3.44 14.13 7.00
C ALA A 13 -3.62 14.52 5.54
N ARG A 14 -3.63 15.82 5.28
CA ARG A 14 -3.85 16.33 3.92
C ARG A 14 -2.95 17.53 3.64
N VAL A 15 -2.33 17.53 2.47
CA VAL A 15 -1.38 18.56 2.10
C VAL A 15 -1.62 19.03 0.67
N THR A 16 -1.73 20.34 0.47
CA THR A 16 -1.87 20.89 -0.87
C THR A 16 -0.65 21.73 -1.26
N VAL A 17 -0.06 21.40 -2.39
CA VAL A 17 1.07 22.17 -2.90
C VAL A 17 0.85 22.58 -4.35
N SER A 18 1.54 23.64 -4.78
CA SER A 18 1.46 24.10 -6.16
C SER A 18 2.40 23.30 -7.05
N GLU A 19 2.04 23.18 -8.33
CA GLU A 19 2.86 22.44 -9.27
C GLU A 19 4.19 23.16 -9.48
N GLY A 20 5.29 22.42 -9.35
CA GLY A 20 6.61 23.01 -9.47
C GLY A 20 7.16 23.46 -8.14
N ALA A 21 6.29 23.54 -7.13
CA ALA A 21 6.70 23.98 -5.80
C ALA A 21 7.32 22.85 -4.98
N SER A 22 8.05 23.22 -3.94
CA SER A 22 8.78 22.25 -3.12
C SER A 22 7.89 21.54 -2.10
N LEU A 23 8.06 20.23 -1.99
CA LEU A 23 7.25 19.41 -1.10
C LEU A 23 8.05 18.72 -0.01
N GLN A 24 7.51 18.73 1.20
CA GLN A 24 8.02 17.94 2.31
C GLN A 24 6.88 17.23 3.03
N LEU A 25 7.00 15.91 3.16
CA LEU A 25 6.04 15.13 3.93
C LEU A 25 6.75 14.57 5.16
N ARG A 26 6.24 14.92 6.33
CA ARG A 26 6.97 14.66 7.58
C ARG A 26 6.58 13.36 8.27
N CYS A 27 7.58 12.68 8.83
CA CYS A 27 7.37 11.41 9.50
C CYS A 27 8.34 11.24 10.66
N LYS A 28 7.80 11.17 11.87
CA LYS A 28 8.60 10.82 13.04
C LYS A 28 8.21 9.43 13.54
N TYR A 29 9.22 8.63 13.89
CA TYR A 29 8.96 7.32 14.48
C TYR A 29 9.41 7.35 15.94
N SER A 30 8.95 6.38 16.73
CA SER A 30 9.17 6.43 18.18
C SER A 30 9.94 5.23 18.72
N TYR A 31 10.57 4.47 17.83
CA TYR A 31 11.09 3.16 18.22
C TYR A 31 12.32 3.14 19.13
N SER A 32 12.41 2.08 19.94
CA SER A 32 13.44 1.94 20.95
C SER A 32 14.84 1.85 20.33
N ALA A 33 14.95 1.10 19.24
CA ALA A 33 16.18 1.03 18.47
C ALA A 33 15.92 1.59 17.08
N THR A 34 16.97 1.78 16.29
CA THR A 34 16.81 2.24 14.93
C THR A 34 16.11 1.17 14.10
N PRO A 35 14.93 1.51 13.55
CA PRO A 35 14.21 0.56 12.70
C PRO A 35 14.61 0.74 11.25
N TYR A 36 14.07 -0.10 10.37
CA TYR A 36 14.27 0.05 8.95
C TYR A 36 13.17 0.98 8.45
N LEU A 37 13.52 1.95 7.61
CA LEU A 37 12.59 3.01 7.26
C LEU A 37 12.10 2.96 5.81
N PHE A 38 10.86 3.35 5.57
CA PHE A 38 10.26 3.20 4.25
C PHE A 38 9.26 4.29 3.91
N TRP A 39 9.23 4.66 2.63
CA TRP A 39 8.13 5.45 2.08
C TRP A 39 7.41 4.66 1.00
N TYR A 40 6.08 4.64 1.09
CA TYR A 40 5.23 3.98 0.12
C TYR A 40 4.28 5.01 -0.49
N VAL A 41 3.95 4.82 -1.77
CA VAL A 41 3.01 5.72 -2.43
C VAL A 41 1.81 4.96 -2.97
N GLN A 42 0.63 5.56 -2.83
CA GLN A 42 -0.61 4.97 -3.32
C GLN A 42 -1.37 5.95 -4.22
N TYR A 43 -1.36 5.67 -5.51
CA TYR A 43 -2.12 6.43 -6.50
C TYR A 43 -3.57 5.95 -6.44
N PRO A 44 -4.53 6.73 -6.99
CA PRO A 44 -5.94 6.35 -6.81
C PRO A 44 -6.33 4.95 -7.32
N ARG A 45 -7.17 4.29 -6.53
CA ARG A 45 -7.65 2.93 -6.81
C ARG A 45 -6.52 1.96 -7.13
N GLN A 46 -5.44 2.06 -6.37
CA GLN A 46 -4.33 1.12 -6.50
C GLN A 46 -3.85 0.64 -5.14
N GLY A 47 -2.98 -0.35 -5.14
CA GLY A 47 -2.33 -0.79 -3.93
C GLY A 47 -1.17 0.14 -3.63
N LEU A 48 -0.44 -0.15 -2.55
CA LEU A 48 0.73 0.65 -2.20
C LEU A 48 1.95 0.20 -2.99
N GLN A 49 2.80 1.15 -3.35
CA GLN A 49 4.06 0.84 -4.03
C GLN A 49 5.21 1.40 -3.21
N MET A 50 6.24 0.57 -3.00
CA MET A 50 7.42 1.04 -2.28
C MET A 50 8.09 2.18 -3.02
N LEU A 51 8.26 3.30 -2.34
CA LEU A 51 8.93 4.46 -2.92
C LEU A 51 10.40 4.44 -2.53
N LEU A 52 10.66 4.37 -1.23
CA LEU A 52 12.03 4.42 -0.73
C LEU A 52 12.27 3.50 0.47
N LYS A 53 13.51 3.04 0.61
CA LYS A 53 13.91 2.20 1.73
C LYS A 53 15.23 2.67 2.34
N TYR A 54 15.39 2.44 3.63
CA TYR A 54 16.65 2.70 4.33
C TYR A 54 16.90 1.62 5.37
N TYR A 55 18.05 0.97 5.25
CA TYR A 55 18.47 -0.03 6.23
C TYR A 55 19.63 0.52 7.05
N SER A 56 20.62 1.11 6.37
CA SER A 56 21.81 1.63 7.05
C SER A 56 22.67 2.50 6.12
N GLY A 57 23.60 3.23 6.71
CA GLY A 57 24.58 4.00 5.94
C GLY A 57 24.21 5.45 5.70
N ASP A 58 24.55 5.94 4.52
CA ASP A 58 24.21 7.29 4.06
C ASP A 58 22.75 7.57 4.36
N PRO A 59 22.50 8.60 5.19
CA PRO A 59 21.14 8.89 5.70
C PRO A 59 20.18 9.33 4.60
N VAL A 60 20.71 9.90 3.53
CA VAL A 60 19.87 10.40 2.45
C VAL A 60 19.67 9.34 1.37
N VAL A 61 18.45 8.80 1.32
CA VAL A 61 18.08 7.85 0.28
C VAL A 61 17.45 8.61 -0.88
N GLN A 62 18.01 8.42 -2.07
CA GLN A 62 17.66 9.25 -3.22
C GLN A 62 16.96 8.45 -4.31
N GLY A 63 15.64 8.63 -4.43
CA GLY A 63 14.86 7.96 -5.45
C GLY A 63 15.11 8.51 -6.83
N VAL A 64 14.91 7.68 -7.84
CA VAL A 64 15.16 8.10 -9.23
C VAL A 64 14.08 9.07 -9.70
N ASN A 65 12.97 9.12 -8.96
CA ASN A 65 11.82 9.93 -9.36
C ASN A 65 11.84 11.36 -8.84
N GLY A 66 13.00 11.81 -8.37
CA GLY A 66 13.14 13.17 -7.88
C GLY A 66 12.91 13.28 -6.38
N PHE A 67 12.30 12.25 -5.81
CA PHE A 67 12.09 12.18 -4.37
C PHE A 67 13.38 11.82 -3.64
N GLU A 68 13.48 12.25 -2.39
CA GLU A 68 14.53 11.76 -1.51
C GLU A 68 14.08 11.84 -0.06
N ALA A 69 14.35 10.79 0.71
CA ALA A 69 13.99 10.77 2.12
C ALA A 69 15.25 10.81 2.97
N GLU A 70 15.18 11.45 4.13
CA GLU A 70 16.38 11.53 4.98
C GLU A 70 16.19 11.00 6.39
N PHE A 71 16.95 9.96 6.73
CA PHE A 71 16.99 9.42 8.07
C PHE A 71 17.76 10.35 9.00
N SER A 72 17.07 10.84 10.03
CA SER A 72 17.69 11.69 11.04
C SER A 72 17.53 11.03 12.41
N LYS A 73 18.64 10.52 12.95
CA LYS A 73 18.61 9.77 14.20
C LYS A 73 18.27 10.64 15.41
N SER A 74 18.89 11.81 15.47
CA SER A 74 18.63 12.76 16.54
C SER A 74 17.17 13.17 16.55
N ASP A 75 16.63 13.41 15.36
CA ASP A 75 15.28 13.92 15.21
C ASP A 75 14.26 12.79 15.17
N SER A 76 14.75 11.55 15.11
CA SER A 76 13.89 10.37 14.95
C SER A 76 12.98 10.53 13.75
N SER A 77 13.52 11.01 12.63
CA SER A 77 12.69 11.33 11.48
C SER A 77 13.13 10.64 10.19
N PHE A 78 12.20 10.58 9.24
CA PHE A 78 12.48 10.04 7.91
C PHE A 78 11.65 10.84 6.93
N HIS A 79 11.86 12.14 6.92
CA HIS A 79 11.08 13.06 6.11
C HIS A 79 11.29 12.81 4.62
N LEU A 80 10.21 12.97 3.85
CA LEU A 80 10.27 12.83 2.40
C LEU A 80 10.30 14.22 1.77
N ARG A 81 11.06 14.36 0.69
CA ARG A 81 11.27 15.64 0.03
C ARG A 81 11.24 15.53 -1.49
N LYS A 82 10.76 16.59 -2.13
CA LYS A 82 10.92 16.76 -3.57
C LYS A 82 11.04 18.23 -3.91
N ALA A 83 12.09 18.59 -4.64
CA ALA A 83 12.37 20.00 -4.94
C ALA A 83 11.28 20.66 -5.77
N SER A 84 10.62 19.87 -6.61
CA SER A 84 9.61 20.41 -7.53
C SER A 84 8.62 19.33 -7.94
N VAL A 85 7.42 19.38 -7.37
CA VAL A 85 6.42 18.34 -7.62
C VAL A 85 5.82 18.40 -9.02
N HIS A 86 5.53 17.23 -9.56
CA HIS A 86 4.84 17.08 -10.84
C HIS A 86 3.37 16.85 -10.52
N TRP A 87 2.48 17.21 -11.43
CA TRP A 87 1.04 17.02 -11.21
C TRP A 87 0.71 15.54 -10.98
N SER A 88 1.48 14.66 -11.60
CA SER A 88 1.27 13.23 -11.47
C SER A 88 1.74 12.68 -10.13
N ASP A 89 2.20 13.57 -9.26
CA ASP A 89 2.65 13.18 -7.92
C ASP A 89 1.49 13.14 -6.93
N SER A 90 0.33 13.61 -7.38
CA SER A 90 -0.87 13.59 -6.55
C SER A 90 -1.22 12.17 -6.14
N ALA A 91 -1.07 11.88 -4.85
CA ALA A 91 -1.33 10.54 -4.32
C ALA A 91 -1.36 10.58 -2.80
N VAL A 92 -1.56 9.40 -2.19
CA VAL A 92 -1.50 9.28 -0.74
C VAL A 92 -0.15 8.67 -0.36
N TYR A 93 0.56 9.32 0.56
CA TYR A 93 1.89 8.86 0.93
C TYR A 93 1.96 8.30 2.35
N PHE A 94 2.50 7.09 2.46
CA PHE A 94 2.58 6.39 3.74
C PHE A 94 4.02 6.25 4.21
N CYS A 95 4.27 6.66 5.45
CA CYS A 95 5.54 6.39 6.08
C CYS A 95 5.41 5.06 6.80
N ALA A 96 6.46 4.24 6.77
CA ALA A 96 6.40 2.92 7.37
C ALA A 96 7.71 2.50 8.02
N VAL A 97 7.61 1.87 9.18
CA VAL A 97 8.81 1.35 9.85
C VAL A 97 8.60 -0.08 10.32
N SER A 98 9.69 -0.83 10.46
CA SER A 98 9.64 -2.17 11.01
C SER A 98 10.72 -2.29 12.07
N ALA A 99 10.38 -2.88 13.21
CA ALA A 99 11.33 -3.04 14.31
C ALA A 99 12.54 -3.86 13.88
N LYS A 100 13.66 -3.64 14.57
CA LYS A 100 14.92 -4.28 14.23
C LYS A 100 14.85 -5.79 14.36
N GLY A 101 14.15 -6.27 15.38
CA GLY A 101 13.99 -7.70 15.59
C GLY A 101 12.90 -8.28 14.72
N THR A 102 12.00 -7.42 14.25
CA THR A 102 10.88 -7.85 13.42
C THR A 102 10.81 -7.05 12.11
N GLY A 103 11.87 -7.14 11.31
CA GLY A 103 11.98 -6.35 10.09
C GLY A 103 10.94 -6.68 9.03
N SER A 104 10.23 -7.79 9.24
CA SER A 104 9.21 -8.23 8.30
C SER A 104 7.82 -7.80 8.72
N LYS A 105 7.72 -7.02 9.79
CA LYS A 105 6.42 -6.55 10.27
C LYS A 105 6.32 -5.03 10.16
N LEU A 106 5.77 -4.57 9.04
CA LEU A 106 5.59 -3.15 8.78
C LEU A 106 4.45 -2.54 9.60
N SER A 107 4.76 -1.44 10.26
CA SER A 107 3.76 -0.58 10.86
C SER A 107 3.74 0.70 10.03
N PHE A 108 2.54 1.18 9.70
CA PHE A 108 2.38 2.31 8.82
C PHE A 108 1.93 3.57 9.55
N GLY A 109 2.22 4.72 8.94
CA GLY A 109 1.64 5.97 9.39
C GLY A 109 0.21 6.01 8.87
N LYS A 110 -0.56 6.99 9.30
CA LYS A 110 -1.95 7.09 8.87
C LYS A 110 -2.07 7.71 7.48
N GLY A 111 -0.95 8.16 6.94
CA GLY A 111 -0.90 8.63 5.57
C GLY A 111 -0.98 10.13 5.42
N ALA A 112 -0.57 10.60 4.24
CA ALA A 112 -0.67 12.00 3.90
C ALA A 112 -1.16 12.13 2.47
N LYS A 113 -2.37 12.62 2.30
CA LYS A 113 -2.92 12.79 0.96
C LYS A 113 -2.34 14.05 0.32
N LEU A 114 -1.59 13.87 -0.76
CA LEU A 114 -1.01 15.01 -1.46
C LEU A 114 -1.85 15.45 -2.66
N THR A 115 -2.27 16.71 -2.62
CA THR A 115 -2.94 17.32 -3.74
C THR A 115 -2.02 18.35 -4.37
N VAL A 116 -1.71 18.15 -5.65
CA VAL A 116 -0.92 19.11 -6.40
C VAL A 116 -1.84 19.98 -7.23
N SER A 117 -2.21 21.14 -6.70
CA SER A 117 -3.08 22.05 -7.44
C SER A 117 -2.31 22.66 -8.61
N PRO A 118 -2.91 22.63 -9.79
CA PRO A 118 -2.24 23.07 -11.02
C PRO A 118 -2.25 24.59 -11.18
N ASN A 119 -1.37 25.08 -12.04
CA ASN A 119 -1.29 26.51 -12.32
C ASN A 119 -1.91 26.85 -13.68
N ILE A 120 -3.14 27.37 -13.65
CA ILE A 120 -3.85 27.70 -14.88
C ILE A 120 -3.31 28.99 -15.50
N GLN A 121 -2.85 28.89 -16.74
CA GLN A 121 -2.24 30.04 -17.42
C GLN A 121 -3.26 31.16 -17.64
N ASN A 122 -4.33 30.84 -18.35
CA ASN A 122 -5.34 31.85 -18.67
C ASN A 122 -6.72 31.44 -18.19
N PRO A 123 -7.06 31.83 -16.95
CA PRO A 123 -8.36 31.50 -16.35
C PRO A 123 -9.49 32.43 -16.79
N ASP A 124 -10.61 31.85 -17.19
CA ASP A 124 -11.85 32.61 -17.33
C ASP A 124 -12.99 31.88 -16.64
N PRO A 125 -13.09 32.06 -15.31
CA PRO A 125 -14.11 31.43 -14.47
C PRO A 125 -15.50 31.65 -15.05
N ALA A 126 -16.32 30.60 -15.03
CA ALA A 126 -17.67 30.71 -15.59
C ALA A 126 -18.60 29.68 -14.99
N VAL A 127 -19.88 30.04 -14.93
CA VAL A 127 -20.91 29.10 -14.46
C VAL A 127 -21.89 28.81 -15.59
N TYR A 128 -21.67 27.70 -16.28
CA TYR A 128 -22.55 27.32 -17.38
C TYR A 128 -23.71 26.45 -16.87
N GLN A 129 -24.68 26.21 -17.74
CA GLN A 129 -25.83 25.37 -17.39
C GLN A 129 -26.04 24.26 -18.42
N LEU A 130 -26.29 23.04 -17.93
CA LEU A 130 -26.35 21.85 -18.78
C LEU A 130 -27.71 21.15 -18.67
N ARG A 131 -28.27 20.75 -19.81
CA ARG A 131 -29.53 20.02 -19.85
C ARG A 131 -29.28 18.51 -19.94
N ASP A 132 -30.29 17.70 -19.61
CA ASP A 132 -30.14 16.25 -19.71
C ASP A 132 -30.38 15.76 -21.13
N SER A 133 -29.72 14.65 -21.47
CA SER A 133 -29.85 14.02 -22.78
C SER A 133 -31.23 13.41 -22.98
N LYS A 134 -31.86 12.99 -21.89
CA LYS A 134 -33.15 12.29 -21.97
C LYS A 134 -34.33 13.24 -21.79
N SER A 135 -34.30 14.03 -20.73
CA SER A 135 -35.36 15.01 -20.49
C SER A 135 -34.80 16.37 -20.06
N SER A 136 -35.05 17.37 -20.88
CA SER A 136 -34.50 18.71 -20.68
C SER A 136 -34.96 19.39 -19.39
N ASP A 137 -35.93 18.78 -18.71
CA ASP A 137 -36.41 19.29 -17.44
C ASP A 137 -35.30 19.29 -16.39
N LYS A 138 -34.41 18.29 -16.43
CA LYS A 138 -33.29 18.22 -15.51
C LYS A 138 -32.17 19.15 -15.96
N SER A 139 -31.51 19.79 -15.01
CA SER A 139 -30.43 20.71 -15.32
C SER A 139 -29.35 20.67 -14.25
N VAL A 140 -28.10 20.86 -14.64
CA VAL A 140 -27.01 21.00 -13.67
C VAL A 140 -26.19 22.25 -13.94
N CYS A 141 -25.64 22.82 -12.88
CA CYS A 141 -24.84 24.04 -13.00
C CYS A 141 -23.36 23.71 -12.84
N LEU A 142 -22.55 24.22 -13.76
CA LEU A 142 -21.13 23.87 -13.78
C LEU A 142 -20.23 25.09 -13.62
N PHE A 143 -19.56 25.18 -12.47
CA PHE A 143 -18.52 26.17 -12.24
C PHE A 143 -17.25 25.59 -12.86
N THR A 144 -16.52 26.41 -13.62
CA THR A 144 -15.34 25.90 -14.32
C THR A 144 -14.37 26.99 -14.76
N ASP A 145 -13.15 26.55 -15.09
CA ASP A 145 -12.10 27.40 -15.57
C ASP A 145 -11.64 28.49 -14.58
N PHE A 146 -12.07 28.37 -13.32
CA PHE A 146 -11.59 29.25 -12.26
C PHE A 146 -10.21 28.78 -11.79
N ASP A 147 -9.42 29.68 -11.21
CA ASP A 147 -8.04 29.33 -10.86
C ASP A 147 -7.95 28.51 -9.56
N SER A 148 -6.84 27.79 -9.40
CA SER A 148 -6.66 26.81 -8.32
C SER A 148 -6.98 27.31 -6.91
N GLN A 149 -6.65 28.56 -6.63
CA GLN A 149 -6.77 29.12 -5.29
C GLN A 149 -8.22 29.34 -4.87
N THR A 150 -9.10 29.43 -5.86
CA THR A 150 -10.53 29.61 -5.61
C THR A 150 -11.11 28.40 -4.91
N ASN A 151 -11.64 28.60 -3.70
CA ASN A 151 -12.19 27.51 -2.91
C ASN A 151 -13.71 27.48 -2.86
N VAL A 152 -14.28 26.39 -3.35
CA VAL A 152 -15.73 26.21 -3.37
C VAL A 152 -16.23 25.71 -2.02
N SER A 153 -17.28 26.34 -1.50
CA SER A 153 -17.85 25.95 -0.21
C SER A 153 -19.17 25.21 -0.39
N GLN A 154 -19.75 24.79 0.73
CA GLN A 154 -21.03 24.07 0.71
C GLN A 154 -22.19 25.04 0.96
N SER A 155 -23.37 24.66 0.53
CA SER A 155 -24.57 25.49 0.71
C SER A 155 -25.12 25.41 2.13
N LYS A 156 -26.32 25.96 2.31
CA LYS A 156 -27.01 25.91 3.59
C LYS A 156 -28.45 25.47 3.38
N ASP A 157 -28.82 25.24 2.12
CA ASP A 157 -30.19 24.91 1.75
C ASP A 157 -30.52 23.42 1.98
N SER A 158 -29.51 22.56 1.84
CA SER A 158 -29.65 21.12 2.10
C SER A 158 -30.71 20.43 1.25
N ASP A 159 -30.89 20.91 0.02
CA ASP A 159 -31.75 20.29 -0.97
C ASP A 159 -31.09 20.54 -2.31
N VAL A 160 -30.00 21.29 -2.22
CA VAL A 160 -29.08 21.55 -3.32
C VAL A 160 -27.76 20.87 -3.00
N TYR A 161 -27.15 20.22 -3.99
CA TYR A 161 -25.88 19.55 -3.75
C TYR A 161 -24.76 20.17 -4.56
N ILE A 162 -23.63 20.42 -3.92
CA ILE A 162 -22.45 20.93 -4.61
C ILE A 162 -21.23 20.08 -4.33
N THR A 163 -20.58 19.63 -5.40
CA THR A 163 -19.36 18.84 -5.28
C THR A 163 -18.20 19.77 -5.01
N ASP A 164 -17.10 19.22 -4.50
CA ASP A 164 -15.90 19.99 -4.30
C ASP A 164 -15.18 20.17 -5.63
N LYS A 165 -14.18 21.03 -5.65
CA LYS A 165 -13.30 21.23 -6.80
C LYS A 165 -12.79 19.92 -7.37
N CYS A 166 -12.59 19.88 -8.67
CA CYS A 166 -12.10 18.69 -9.36
C CYS A 166 -11.30 19.13 -10.58
N VAL A 167 -10.13 18.54 -10.77
CA VAL A 167 -9.22 18.97 -11.83
C VAL A 167 -9.11 17.93 -12.93
N LEU A 168 -9.35 18.34 -14.17
CA LEU A 168 -9.19 17.45 -15.31
C LEU A 168 -8.07 17.89 -16.24
N ASP A 169 -7.49 16.93 -16.95
CA ASP A 169 -6.34 17.16 -17.81
C ASP A 169 -6.61 16.68 -19.23
N MET A 170 -6.67 17.60 -20.18
CA MET A 170 -6.82 17.25 -21.59
C MET A 170 -5.43 17.06 -22.20
N ARG A 171 -4.94 15.83 -22.15
CA ARG A 171 -3.56 15.49 -22.46
C ARG A 171 -3.06 15.91 -23.85
N SER A 172 -3.87 15.68 -24.87
CA SER A 172 -3.47 15.96 -26.24
C SER A 172 -3.36 17.46 -26.54
N MET A 173 -3.78 18.28 -25.59
CA MET A 173 -3.80 19.73 -25.80
C MET A 173 -2.99 20.53 -24.79
N ASP A 174 -2.40 19.84 -23.82
CA ASP A 174 -1.65 20.51 -22.74
C ASP A 174 -2.57 21.49 -22.02
N PHE A 175 -3.68 21.00 -21.52
CA PHE A 175 -4.71 21.84 -20.91
C PHE A 175 -5.27 21.22 -19.65
N LYS A 176 -5.27 21.99 -18.57
CA LYS A 176 -5.87 21.54 -17.31
C LYS A 176 -6.96 22.51 -16.87
N SER A 177 -7.94 21.99 -16.14
CA SER A 177 -9.10 22.79 -15.75
C SER A 177 -9.69 22.40 -14.40
N ASN A 178 -10.14 23.40 -13.65
CA ASN A 178 -10.88 23.18 -12.42
C ASN A 178 -12.39 23.16 -12.70
N SER A 179 -13.14 22.49 -11.82
CA SER A 179 -14.60 22.47 -11.96
C SER A 179 -15.32 21.98 -10.72
N ALA A 180 -16.52 22.52 -10.50
CA ALA A 180 -17.42 22.04 -9.46
C ALA A 180 -18.83 21.98 -10.03
N VAL A 181 -19.64 21.08 -9.50
CA VAL A 181 -21.01 20.90 -10.02
C VAL A 181 -22.05 21.14 -8.92
N ALA A 182 -23.13 21.81 -9.29
CA ALA A 182 -24.24 22.05 -8.37
C ALA A 182 -25.56 21.61 -8.99
N TRP A 183 -26.36 20.85 -8.24
CA TRP A 183 -27.63 20.36 -8.76
C TRP A 183 -28.73 20.23 -7.73
N SER A 184 -29.97 20.36 -8.18
CA SER A 184 -31.13 20.19 -7.30
C SER A 184 -32.43 20.04 -8.10
N ASN A 185 -33.46 19.52 -7.44
CA ASN A 185 -34.76 19.28 -8.06
C ASN A 185 -35.82 20.29 -7.62
N LYS A 186 -35.39 21.33 -6.91
CA LYS A 186 -36.31 22.38 -6.48
C LYS A 186 -36.47 23.45 -7.57
N SER A 187 -37.67 24.01 -7.68
CA SER A 187 -37.98 24.96 -8.74
C SER A 187 -37.27 26.31 -8.60
N ASP A 188 -37.18 26.83 -7.38
CA ASP A 188 -36.45 28.06 -7.15
C ASP A 188 -34.94 27.84 -7.16
N PHE A 189 -34.44 27.40 -8.29
CA PHE A 189 -33.03 27.04 -8.41
C PHE A 189 -32.56 27.11 -9.85
N ALA A 190 -31.63 28.03 -10.10
CA ALA A 190 -31.00 28.16 -11.41
C ALA A 190 -29.51 28.31 -11.18
N CYS A 191 -28.73 28.23 -12.25
CA CYS A 191 -27.30 28.45 -12.13
C CYS A 191 -27.04 29.88 -11.65
N ALA A 192 -26.11 30.00 -10.71
CA ALA A 192 -25.80 31.25 -10.00
C ALA A 192 -26.87 31.66 -8.99
N ASN A 193 -27.61 30.68 -8.47
CA ASN A 193 -28.57 30.94 -7.41
C ASN A 193 -28.19 30.24 -6.12
N ALA A 194 -27.59 29.06 -6.26
CA ALA A 194 -27.15 28.28 -5.11
C ALA A 194 -25.63 28.23 -4.96
N PHE A 195 -24.91 28.85 -5.90
CA PHE A 195 -23.46 28.96 -5.77
C PHE A 195 -23.11 30.10 -4.82
N ASN A 197 -20.21 30.58 -3.26
CA ASN A 197 -19.54 31.35 -2.21
C ASN A 197 -18.09 31.63 -2.55
N SER A 198 -17.65 32.85 -2.24
CA SER A 198 -16.27 33.30 -2.49
C SER A 198 -15.88 33.23 -3.96
N ILE A 199 -16.88 33.20 -4.84
CA ILE A 199 -16.63 33.06 -6.27
C ILE A 199 -15.97 34.31 -6.86
N ILE A 200 -15.24 34.12 -7.96
CA ILE A 200 -14.62 35.22 -8.66
C ILE A 200 -15.70 36.11 -9.27
N PRO A 201 -15.65 37.41 -8.95
CA PRO A 201 -16.69 38.37 -9.37
C PRO A 201 -16.78 38.51 -10.89
N GLU A 202 -15.71 38.11 -11.58
CA GLU A 202 -15.65 38.22 -13.03
C GLU A 202 -15.88 36.86 -13.68
N ASP A 203 -17.11 36.61 -14.13
CA ASP A 203 -17.45 35.33 -14.72
C ASP A 203 -18.58 35.45 -15.75
N THR A 204 -18.65 34.50 -16.67
CA THR A 204 -19.69 34.47 -17.68
C THR A 204 -20.91 33.72 -17.19
N PHE A 205 -22.09 34.25 -17.48
CA PHE A 205 -23.35 33.66 -17.03
C PHE A 205 -24.35 33.53 -18.18
N ALA B 5 3.44 -9.09 -8.66
CA ALA B 5 2.35 -9.84 -9.28
C ALA B 5 1.46 -10.48 -8.21
N VAL B 6 0.68 -9.65 -7.54
CA VAL B 6 -0.24 -10.12 -6.51
C VAL B 6 -1.68 -9.98 -7.01
N THR B 7 -2.48 -11.03 -6.79
CA THR B 7 -3.87 -11.04 -7.25
C THR B 7 -4.82 -11.34 -6.09
N GLN B 8 -5.88 -10.53 -5.98
CA GLN B 8 -6.89 -10.74 -4.94
C GLN B 8 -8.27 -10.97 -5.55
N SER B 9 -9.07 -11.80 -4.92
CA SER B 9 -10.47 -11.98 -5.32
C SER B 9 -11.37 -12.32 -4.13
N PRO B 10 -12.60 -11.80 -4.11
CA PRO B 10 -13.16 -10.88 -5.11
C PRO B 10 -12.63 -9.46 -4.90
N ARG B 11 -12.68 -8.65 -5.95
CA ARG B 11 -12.24 -7.26 -5.87
C ARG B 11 -13.32 -6.44 -5.17
N ASN B 12 -14.55 -6.93 -5.28
CA ASN B 12 -15.69 -6.32 -4.61
C ASN B 12 -16.63 -7.38 -4.04
N LYS B 13 -17.18 -7.10 -2.86
CA LYS B 13 -18.07 -8.04 -2.20
C LYS B 13 -18.99 -7.33 -1.23
N VAL B 14 -20.27 -7.68 -1.27
CA VAL B 14 -21.25 -7.14 -0.34
C VAL B 14 -21.96 -8.25 0.41
N THR B 15 -21.85 -8.24 1.73
CA THR B 15 -22.59 -9.22 2.54
C THR B 15 -23.41 -8.53 3.63
N VAL B 16 -23.99 -9.34 4.49
CA VAL B 16 -24.82 -8.85 5.58
C VAL B 16 -24.22 -9.36 6.89
N THR B 17 -24.56 -8.71 8.00
CA THR B 17 -24.05 -9.11 9.31
C THR B 17 -24.38 -10.56 9.62
N GLY B 18 -23.35 -11.31 10.00
CA GLY B 18 -23.50 -12.73 10.27
C GLY B 18 -23.06 -13.57 9.08
N GLY B 19 -22.74 -12.89 7.98
CA GLY B 19 -22.36 -13.57 6.75
C GLY B 19 -20.98 -14.22 6.82
N ASN B 20 -20.64 -14.94 5.76
CA ASN B 20 -19.36 -15.65 5.69
C ASN B 20 -18.58 -15.31 4.43
N VAL B 21 -17.49 -14.56 4.58
CA VAL B 21 -16.69 -14.09 3.45
C VAL B 21 -15.29 -14.71 3.46
N THR B 22 -14.78 -15.02 2.27
CA THR B 22 -13.40 -15.45 2.14
C THR B 22 -12.68 -14.64 1.06
N LEU B 23 -11.64 -13.93 1.48
CA LEU B 23 -10.81 -13.21 0.52
C LEU B 23 -9.61 -14.07 0.14
N SER B 24 -9.33 -14.14 -1.16
CA SER B 24 -8.26 -14.98 -1.68
C SER B 24 -7.12 -14.12 -2.22
N CYS B 25 -5.89 -14.52 -1.92
CA CYS B 25 -4.71 -13.86 -2.47
C CYS B 25 -3.73 -14.87 -3.07
N ARG B 26 -3.24 -14.58 -4.27
CA ARG B 26 -2.26 -15.45 -4.91
C ARG B 26 -1.10 -14.63 -5.46
N GLN B 27 0.13 -15.08 -5.21
CA GLN B 27 1.30 -14.39 -5.74
C GLN B 27 2.21 -15.38 -6.47
N THR B 28 2.55 -15.05 -7.71
CA THR B 28 3.38 -15.91 -8.54
C THR B 28 4.86 -15.53 -8.44
N ASN B 29 5.16 -14.59 -7.56
CA ASN B 29 6.53 -14.40 -7.11
C ASN B 29 6.85 -15.62 -6.24
N SER B 30 8.13 -15.80 -5.90
CA SER B 30 8.48 -16.89 -5.00
C SER B 30 8.70 -16.35 -3.60
N HIS B 31 7.85 -15.42 -3.20
CA HIS B 31 7.90 -14.79 -1.88
C HIS B 31 7.34 -15.70 -0.80
N ASN B 32 7.98 -15.70 0.36
CA ASN B 32 7.57 -16.56 1.47
C ASN B 32 6.76 -15.79 2.51
N TYR B 33 6.87 -14.48 2.48
CA TYR B 33 6.08 -13.63 3.36
C TYR B 33 4.81 -13.17 2.65
N MET B 34 3.66 -13.37 3.28
CA MET B 34 2.40 -12.82 2.77
C MET B 34 1.62 -12.16 3.89
N TYR B 35 0.83 -11.14 3.54
CA TYR B 35 0.19 -10.29 4.54
C TYR B 35 -1.25 -9.95 4.15
N TRP B 36 -2.11 -9.85 5.15
CA TRP B 36 -3.43 -9.26 4.97
C TRP B 36 -3.56 -7.98 5.81
N TYR B 37 -3.77 -6.86 5.13
CA TYR B 37 -3.99 -5.57 5.77
C TYR B 37 -5.40 -5.08 5.52
N ARG B 38 -5.85 -4.16 6.36
CA ARG B 38 -7.07 -3.41 6.08
C ARG B 38 -6.77 -1.91 6.15
N GLN B 39 -7.39 -1.15 5.26
CA GLN B 39 -7.21 0.29 5.22
C GLN B 39 -8.52 1.00 5.51
N ASP B 40 -8.46 1.94 6.45
CA ASP B 40 -9.62 2.76 6.79
C ASP B 40 -9.17 4.20 6.95
N THR B 41 -10.11 5.14 6.79
CA THR B 41 -9.80 6.55 6.94
C THR B 41 -9.49 6.88 8.40
N GLY B 42 -8.32 7.46 8.64
CA GLY B 42 -7.91 7.83 9.98
C GLY B 42 -7.19 6.72 10.70
N HIS B 43 -6.90 5.64 9.98
CA HIS B 43 -6.24 4.48 10.58
C HIS B 43 -5.09 3.96 9.71
N GLY B 44 -5.00 4.48 8.49
CA GLY B 44 -4.00 4.01 7.55
C GLY B 44 -4.15 2.52 7.30
N LEU B 45 -3.03 1.83 7.14
CA LEU B 45 -3.05 0.38 6.97
C LEU B 45 -2.80 -0.33 8.29
N ARG B 46 -3.64 -1.30 8.62
CA ARG B 46 -3.48 -2.09 9.83
C ARG B 46 -3.39 -3.58 9.51
N LEU B 47 -2.35 -4.22 10.02
CA LEU B 47 -2.07 -5.61 9.75
C LEU B 47 -3.00 -6.54 10.54
N ILE B 48 -3.57 -7.52 9.85
CA ILE B 48 -4.51 -8.44 10.46
C ILE B 48 -3.84 -9.78 10.75
N HIS B 49 -3.27 -10.37 9.71
CA HIS B 49 -2.54 -11.62 9.81
C HIS B 49 -1.41 -11.60 8.81
N TYR B 50 -0.38 -12.40 9.07
CA TYR B 50 0.65 -12.64 8.06
C TYR B 50 1.28 -14.02 8.20
N SER B 51 2.15 -14.36 7.25
CA SER B 51 2.60 -15.72 7.07
C SER B 51 4.01 -15.79 6.50
N TYR B 52 4.81 -16.70 7.03
CA TYR B 52 6.15 -16.96 6.49
C TYR B 52 6.30 -18.44 6.12
N GLY B 53 6.15 -18.74 4.84
CA GLY B 53 6.20 -20.11 4.38
C GLY B 53 4.82 -20.76 4.44
N ALA B 54 4.65 -21.86 3.71
CA ALA B 54 3.37 -22.55 3.66
C ALA B 54 3.01 -23.20 4.99
N GLY B 55 1.79 -22.95 5.45
CA GLY B 55 1.30 -23.55 6.68
C GLY B 55 1.54 -22.70 7.91
N ASN B 56 2.35 -21.66 7.77
CA ASN B 56 2.69 -20.78 8.89
C ASN B 56 1.73 -19.61 9.04
N LEU B 57 1.21 -19.41 10.25
CA LEU B 57 0.33 -18.29 10.53
C LEU B 57 0.90 -17.43 11.65
N GLN B 58 0.64 -16.14 11.59
CA GLN B 58 1.16 -15.20 12.59
C GLN B 58 0.17 -14.07 12.86
N ILE B 59 -0.15 -13.87 14.13
CA ILE B 59 -1.11 -12.85 14.54
C ILE B 59 -0.64 -11.43 14.23
N GLY B 60 -1.51 -10.64 13.61
CA GLY B 60 -1.21 -9.25 13.32
C GLY B 60 -1.62 -8.34 14.46
N ASP B 61 -1.98 -7.11 14.14
CA ASP B 61 -2.37 -6.14 15.16
C ASP B 61 -3.87 -6.18 15.46
N VAL B 62 -4.66 -6.43 14.41
CA VAL B 62 -6.11 -6.49 14.55
C VAL B 62 -6.69 -7.85 14.12
N PRO B 63 -6.27 -8.94 14.80
CA PRO B 63 -6.62 -10.28 14.34
C PRO B 63 -8.07 -10.66 14.64
N ASP B 64 -8.67 -10.03 15.64
CA ASP B 64 -10.00 -10.40 16.12
C ASP B 64 -11.06 -10.33 15.03
N GLY B 65 -11.84 -11.40 14.92
CA GLY B 65 -12.89 -11.49 13.91
C GLY B 65 -12.35 -11.98 12.58
N TYR B 66 -11.08 -12.32 12.54
CA TYR B 66 -10.45 -12.78 11.32
C TYR B 66 -9.69 -14.08 11.53
N LYS B 67 -9.83 -14.99 10.56
CA LYS B 67 -8.99 -16.18 10.51
C LYS B 67 -8.23 -16.18 9.19
N ALA B 68 -7.10 -16.87 9.16
CA ALA B 68 -6.27 -16.89 7.96
C ALA B 68 -5.71 -18.29 7.69
N THR B 69 -5.54 -18.62 6.41
CA THR B 69 -4.89 -19.88 6.04
C THR B 69 -3.90 -19.69 4.90
N ARG B 70 -2.69 -20.22 5.08
CA ARG B 70 -1.71 -20.24 4.01
C ARG B 70 -1.52 -21.68 3.54
N THR B 71 -2.28 -22.07 2.53
CA THR B 71 -2.27 -23.45 2.05
C THR B 71 -0.99 -23.81 1.31
N THR B 72 -0.54 -22.91 0.43
CA THR B 72 0.70 -23.12 -0.30
C THR B 72 1.55 -21.87 -0.20
N GLN B 73 2.69 -21.86 -0.91
CA GLN B 73 3.56 -20.70 -0.95
C GLN B 73 2.85 -19.51 -1.58
N GLU B 74 1.94 -19.82 -2.51
CA GLU B 74 1.31 -18.79 -3.33
C GLU B 74 -0.04 -18.29 -2.77
N ASP B 75 -0.74 -19.14 -2.03
CA ASP B 75 -2.10 -18.82 -1.62
C ASP B 75 -2.25 -18.41 -0.14
N PHE B 76 -2.81 -17.22 0.06
CA PHE B 76 -3.12 -16.72 1.40
C PHE B 76 -4.59 -16.29 1.45
N PHE B 77 -5.36 -16.97 2.30
CA PHE B 77 -6.79 -16.69 2.43
C PHE B 77 -7.10 -15.99 3.75
N LEU B 78 -7.93 -14.96 3.67
CA LEU B 78 -8.44 -14.29 4.86
C LEU B 78 -9.89 -14.71 5.06
N LEU B 79 -10.16 -15.32 6.22
CA LEU B 79 -11.47 -15.92 6.48
C LEU B 79 -12.30 -15.10 7.46
N LEU B 80 -13.59 -15.00 7.16
CA LEU B 80 -14.52 -14.18 7.93
C LEU B 80 -15.81 -14.96 8.18
N GLU B 81 -15.93 -15.59 9.34
CA GLU B 81 -17.08 -16.44 9.63
C GLU B 81 -18.31 -15.66 10.09
N LEU B 82 -18.08 -14.62 10.88
CA LEU B 82 -19.17 -13.79 11.39
C LEU B 82 -18.96 -12.32 11.02
N ALA B 83 -19.30 -11.98 9.79
CA ALA B 83 -19.13 -10.62 9.28
C ALA B 83 -19.84 -9.56 10.12
N SER B 84 -19.07 -8.61 10.63
CA SER B 84 -19.61 -7.48 11.38
C SER B 84 -19.54 -6.24 10.50
N PRO B 85 -20.40 -5.25 10.78
CA PRO B 85 -20.34 -3.96 10.07
C PRO B 85 -18.98 -3.30 10.22
N SER B 86 -18.31 -3.54 11.34
CA SER B 86 -17.00 -2.95 11.59
C SER B 86 -15.95 -3.47 10.61
N GLN B 87 -16.23 -4.63 10.01
CA GLN B 87 -15.31 -5.25 9.07
C GLN B 87 -15.49 -4.73 7.65
N THR B 88 -16.42 -3.79 7.48
CA THR B 88 -16.55 -3.06 6.22
C THR B 88 -15.30 -2.23 6.01
N SER B 89 -14.49 -2.60 5.02
CA SER B 89 -13.22 -1.93 4.80
C SER B 89 -12.63 -2.27 3.43
N LEU B 90 -11.44 -1.73 3.18
CA LEU B 90 -10.68 -2.03 1.97
C LEU B 90 -9.54 -2.95 2.34
N TYR B 91 -9.57 -4.18 1.84
CA TYR B 91 -8.58 -5.18 2.23
C TYR B 91 -7.46 -5.34 1.23
N PHE B 92 -6.22 -5.17 1.69
CA PHE B 92 -5.08 -5.34 0.81
C PHE B 92 -4.31 -6.61 1.14
N CYS B 93 -3.78 -7.25 0.10
CA CYS B 93 -2.91 -8.40 0.28
C CYS B 93 -1.52 -7.99 -0.17
N ALA B 94 -0.49 -8.53 0.48
CA ALA B 94 0.88 -8.21 0.07
C ALA B 94 1.81 -9.40 0.17
N SER B 95 2.90 -9.38 -0.58
CA SER B 95 3.93 -10.39 -0.43
C SER B 95 5.30 -9.74 -0.35
N SER B 96 6.25 -10.41 0.30
CA SER B 96 7.56 -9.81 0.50
C SER B 96 8.68 -10.85 0.42
N ASP B 97 9.88 -10.41 0.03
CA ASP B 97 11.05 -11.29 -0.01
C ASP B 97 12.27 -10.57 0.57
N ALA B 98 12.00 -9.42 1.19
CA ALA B 98 13.01 -8.64 1.88
C ALA B 98 12.30 -7.88 3.00
N PRO B 99 12.95 -7.76 4.16
CA PRO B 99 12.33 -7.11 5.32
C PRO B 99 11.78 -5.71 5.03
N GLY B 100 10.47 -5.57 5.16
CA GLY B 100 9.82 -4.28 4.99
C GLY B 100 9.45 -3.93 3.56
N GLN B 101 9.92 -4.73 2.60
CA GLN B 101 9.68 -4.45 1.19
C GLN B 101 8.48 -5.21 0.63
N LEU B 102 7.32 -4.57 0.66
CA LEU B 102 6.06 -5.22 0.31
C LEU B 102 5.55 -4.92 -1.10
N TYR B 103 5.03 -5.96 -1.74
CA TYR B 103 4.37 -5.86 -3.04
C TYR B 103 2.88 -6.06 -2.82
N PHE B 104 2.08 -5.04 -3.13
CA PHE B 104 0.65 -5.06 -2.81
C PHE B 104 -0.25 -5.50 -3.94
N GLY B 105 -1.42 -6.02 -3.58
CA GLY B 105 -2.47 -6.29 -4.54
C GLY B 105 -3.27 -5.03 -4.77
N GLU B 106 -4.25 -5.10 -5.67
CA GLU B 106 -5.01 -3.91 -6.05
C GLU B 106 -6.18 -3.63 -5.12
N GLY B 107 -6.43 -4.53 -4.17
CA GLY B 107 -7.43 -4.30 -3.15
C GLY B 107 -8.74 -5.01 -3.37
N SER B 108 -9.38 -5.38 -2.27
CA SER B 108 -10.71 -5.99 -2.27
C SER B 108 -11.64 -5.15 -1.41
N LYS B 109 -12.65 -4.55 -2.03
CA LYS B 109 -13.58 -3.70 -1.31
C LYS B 109 -14.77 -4.50 -0.78
N LEU B 110 -14.91 -4.52 0.53
CA LEU B 110 -15.97 -5.29 1.18
C LEU B 110 -16.93 -4.41 1.97
N THR B 111 -18.22 -4.53 1.67
CA THR B 111 -19.23 -3.81 2.41
C THR B 111 -20.10 -4.79 3.19
N VAL B 112 -20.29 -4.51 4.48
CA VAL B 112 -21.14 -5.34 5.32
C VAL B 112 -22.34 -4.55 5.82
N LEU B 113 -23.53 -5.08 5.54
CA LEU B 113 -24.76 -4.39 5.92
C LEU B 113 -25.43 -5.10 7.09
N GLU B 114 -26.33 -4.38 7.76
CA GLU B 114 -27.12 -4.97 8.82
C GLU B 114 -28.40 -5.50 8.22
N ASP B 115 -28.88 -4.78 7.21
CA ASP B 115 -30.17 -5.06 6.58
C ASP B 115 -30.07 -4.71 5.11
N LEU B 116 -30.43 -5.64 4.24
CA LEU B 116 -30.35 -5.42 2.80
C LEU B 116 -31.48 -4.51 2.31
N LYS B 117 -32.36 -4.14 3.23
CA LYS B 117 -33.56 -3.38 2.90
C LYS B 117 -33.26 -1.97 2.36
N ASN B 118 -32.09 -1.45 2.69
CA ASN B 118 -31.74 -0.08 2.30
C ASN B 118 -30.89 0.00 1.03
N VAL B 119 -30.68 -1.14 0.38
CA VAL B 119 -29.83 -1.20 -0.79
C VAL B 119 -30.53 -0.72 -2.06
N PHE B 120 -29.94 0.29 -2.70
CA PHE B 120 -30.49 0.83 -3.95
C PHE B 120 -29.40 0.94 -5.01
N PRO B 121 -29.75 0.56 -6.26
CA PRO B 121 -28.83 0.76 -7.38
C PRO B 121 -28.82 2.24 -7.77
N PRO B 122 -27.78 2.70 -8.47
CA PRO B 122 -27.70 4.11 -8.84
C PRO B 122 -28.62 4.43 -10.01
N GLU B 123 -28.93 5.71 -10.18
CA GLU B 123 -29.60 6.16 -11.39
C GLU B 123 -28.65 7.10 -12.12
N VAL B 124 -28.37 6.79 -13.39
CA VAL B 124 -27.34 7.51 -14.12
C VAL B 124 -27.91 8.45 -15.18
N ALA B 125 -27.46 9.69 -15.14
CA ALA B 125 -27.88 10.68 -16.13
C ALA B 125 -26.66 11.39 -16.72
N VAL B 126 -26.72 11.67 -18.02
CA VAL B 126 -25.70 12.45 -18.70
C VAL B 126 -26.27 13.82 -19.09
N PHE B 127 -25.53 14.87 -18.74
CA PHE B 127 -25.91 16.23 -19.06
C PHE B 127 -24.92 16.81 -20.08
N GLU B 128 -25.47 17.49 -21.07
CA GLU B 128 -24.73 17.87 -22.27
C GLU B 128 -24.22 19.30 -22.25
N PRO B 129 -23.09 19.55 -22.94
CA PRO B 129 -22.41 20.85 -23.00
C PRO B 129 -23.33 22.03 -23.25
N SER B 130 -23.18 23.05 -22.43
CA SER B 130 -23.82 24.35 -22.66
C SER B 130 -23.22 24.95 -23.93
N GLU B 131 -24.07 25.38 -24.86
CA GLU B 131 -23.57 25.99 -26.08
C GLU B 131 -22.83 27.28 -25.78
N ALA B 132 -23.17 27.90 -24.66
CA ALA B 132 -22.46 29.08 -24.20
C ALA B 132 -20.99 28.77 -23.94
N GLU B 133 -20.72 27.65 -23.28
CA GLU B 133 -19.35 27.21 -23.03
C GLU B 133 -18.63 26.94 -24.34
N ILE B 134 -19.32 26.28 -25.25
CA ILE B 134 -18.76 25.95 -26.57
C ILE B 134 -18.35 27.21 -27.32
N SER B 135 -19.18 28.23 -27.22
CA SER B 135 -18.90 29.51 -27.87
C SER B 135 -17.74 30.23 -27.19
N HIS B 136 -17.69 30.14 -25.85
CA HIS B 136 -16.73 30.92 -25.05
C HIS B 136 -15.33 30.32 -25.04
N THR B 137 -15.23 29.00 -25.14
CA THR B 137 -13.98 28.29 -24.85
C THR B 137 -13.51 27.37 -25.97
N GLN B 138 -14.41 27.05 -26.90
CA GLN B 138 -14.16 26.02 -27.92
C GLN B 138 -13.95 24.64 -27.30
N LYS B 139 -14.38 24.47 -26.05
CA LYS B 139 -14.34 23.18 -25.38
C LYS B 139 -15.72 22.82 -24.84
N ALA B 140 -16.02 21.53 -24.79
CA ALA B 140 -17.33 21.05 -24.38
C ALA B 140 -17.23 20.02 -23.27
N THR B 141 -17.94 20.27 -22.18
CA THR B 141 -17.94 19.37 -21.05
C THR B 141 -19.30 18.68 -20.88
N LEU B 142 -19.26 17.37 -20.72
CA LEU B 142 -20.43 16.60 -20.33
C LEU B 142 -20.30 16.27 -18.84
N VAL B 143 -21.43 16.14 -18.18
CA VAL B 143 -21.44 15.80 -16.76
C VAL B 143 -22.22 14.51 -16.54
N CYS B 144 -21.70 13.63 -15.68
CA CYS B 144 -22.46 12.45 -15.32
C CYS B 144 -22.88 12.50 -13.86
N LEU B 145 -24.12 12.08 -13.61
CA LEU B 145 -24.66 12.02 -12.27
C LEU B 145 -25.18 10.62 -11.94
N ALA B 146 -24.60 9.99 -10.94
CA ALA B 146 -25.11 8.74 -10.40
C ALA B 146 -25.79 9.06 -9.07
N THR B 147 -27.08 8.76 -8.96
CA THR B 147 -27.85 9.22 -7.82
C THR B 147 -28.54 8.10 -7.03
N GLY B 148 -28.74 8.34 -5.75
CA GLY B 148 -29.54 7.50 -4.89
C GLY B 148 -29.11 6.04 -4.78
N PHE B 149 -27.80 5.81 -4.66
CA PHE B 149 -27.33 4.45 -4.49
C PHE B 149 -26.86 4.16 -3.07
N TYR B 150 -27.02 2.91 -2.66
CA TYR B 150 -26.57 2.43 -1.37
C TYR B 150 -26.29 0.94 -1.49
N PRO B 151 -25.16 0.48 -0.94
CA PRO B 151 -24.16 1.28 -0.23
C PRO B 151 -23.20 2.00 -1.17
N ASP B 152 -22.26 2.75 -0.60
CA ASP B 152 -21.23 3.42 -1.38
C ASP B 152 -20.30 2.38 -1.99
N HIS B 153 -20.69 1.88 -3.16
CA HIS B 153 -19.93 0.82 -3.82
C HIS B 153 -20.10 0.90 -5.33
N VAL B 154 -19.48 1.90 -5.95
CA VAL B 154 -19.63 2.12 -7.38
C VAL B 154 -18.30 2.40 -8.09
N GLU B 155 -18.32 2.26 -9.41
CA GLU B 155 -17.16 2.57 -10.24
C GLU B 155 -17.62 3.28 -11.51
N LEU B 156 -17.21 4.53 -11.67
CA LEU B 156 -17.63 5.35 -12.79
C LEU B 156 -16.54 5.41 -13.86
N SER B 157 -16.94 5.27 -15.12
CA SER B 157 -16.00 5.37 -16.23
C SER B 157 -16.66 6.01 -17.45
N TRP B 158 -15.84 6.62 -18.30
CA TRP B 158 -16.33 7.26 -19.52
C TRP B 158 -15.94 6.47 -20.75
N TRP B 159 -16.86 6.38 -21.71
CA TRP B 159 -16.61 5.66 -22.94
C TRP B 159 -16.93 6.51 -24.16
N VAL B 160 -15.91 6.72 -24.99
CA VAL B 160 -16.06 7.42 -26.25
C VAL B 160 -15.83 6.45 -27.40
N ASN B 161 -16.85 6.30 -28.24
CA ASN B 161 -16.80 5.42 -29.41
C ASN B 161 -16.28 4.01 -29.12
N GLY B 162 -16.68 3.47 -27.99
CA GLY B 162 -16.31 2.11 -27.62
C GLY B 162 -15.05 1.98 -26.78
N LYS B 163 -14.35 3.10 -26.61
CA LYS B 163 -13.10 3.09 -25.85
C LYS B 163 -13.27 3.74 -24.48
N GLU B 164 -12.76 3.12 -23.43
CA GLU B 164 -12.74 3.77 -22.14
C GLU B 164 -11.69 4.87 -22.19
N VAL B 165 -12.06 6.08 -21.76
CA VAL B 165 -11.15 7.22 -21.81
C VAL B 165 -10.75 7.66 -20.42
N HIS B 166 -9.57 8.28 -20.32
CA HIS B 166 -9.08 8.77 -19.04
C HIS B 166 -8.64 10.23 -19.18
N SER B 167 -8.35 10.63 -20.40
CA SER B 167 -7.99 12.02 -20.68
C SER B 167 -9.24 12.90 -20.71
N GLY B 168 -9.16 14.03 -20.02
CA GLY B 168 -10.28 14.97 -19.97
C GLY B 168 -11.34 14.58 -18.96
N VAL B 169 -11.05 13.55 -18.18
CA VAL B 169 -12.00 13.01 -17.22
C VAL B 169 -11.69 13.45 -15.79
N CYS B 170 -12.71 13.77 -15.01
CA CYS B 170 -12.53 14.01 -13.59
C CYS B 170 -13.76 13.55 -12.79
N THR B 171 -13.60 12.44 -12.07
CA THR B 171 -14.65 11.91 -11.21
C THR B 171 -14.37 12.33 -9.76
N ASP B 172 -15.44 12.58 -9.01
CA ASP B 172 -15.31 12.90 -7.60
C ASP B 172 -14.56 11.80 -6.86
N PRO B 173 -13.67 12.18 -5.93
CA PRO B 173 -12.89 11.20 -5.16
C PRO B 173 -13.75 10.48 -4.12
N GLN B 174 -14.83 11.12 -3.69
CA GLN B 174 -15.67 10.60 -2.64
C GLN B 174 -17.15 10.97 -2.84
N PRO B 175 -18.03 9.97 -2.91
CA PRO B 175 -19.47 10.18 -3.05
C PRO B 175 -20.06 10.91 -1.85
N LEU B 176 -21.00 11.81 -2.09
CA LEU B 176 -21.62 12.60 -1.02
C LEU B 176 -23.00 12.07 -0.62
N LYS B 177 -23.39 12.34 0.61
CA LYS B 177 -24.68 11.90 1.13
C LYS B 177 -25.79 12.84 0.69
N GLU B 178 -26.90 12.28 0.22
CA GLU B 178 -28.05 13.06 -0.21
C GLU B 178 -28.84 13.58 0.99
N GLN B 179 -28.94 12.75 2.02
CA GLN B 179 -29.57 13.15 3.27
C GLN B 179 -28.60 12.88 4.42
N PRO B 180 -27.66 13.80 4.64
CA PRO B 180 -26.55 13.67 5.59
C PRO B 180 -26.98 13.35 7.02
N ALA B 181 -28.24 13.63 7.35
CA ALA B 181 -28.77 13.34 8.68
C ALA B 181 -28.76 11.84 8.97
N LEU B 182 -29.16 11.06 7.97
CA LEU B 182 -29.29 9.61 8.12
C LEU B 182 -27.96 8.91 8.31
N ASN B 183 -27.99 7.74 8.93
CA ASN B 183 -26.83 6.87 9.04
C ASN B 183 -26.92 5.76 8.00
N ASP B 184 -27.92 5.86 7.14
CA ASP B 184 -28.13 4.90 6.07
C ASP B 184 -28.52 5.65 4.79
N SER B 185 -28.10 6.91 4.73
CA SER B 185 -28.40 7.78 3.60
C SER B 185 -27.89 7.20 2.28
N ARG B 186 -28.62 7.48 1.20
CA ARG B 186 -28.17 7.08 -0.13
C ARG B 186 -27.09 8.04 -0.59
N TYR B 187 -26.35 7.65 -1.63
CA TYR B 187 -25.21 8.44 -2.08
C TYR B 187 -25.38 9.01 -3.48
N ALA B 188 -24.52 9.97 -3.81
CA ALA B 188 -24.52 10.59 -5.13
C ALA B 188 -23.09 10.88 -5.56
N LEU B 189 -22.82 10.66 -6.84
CA LEU B 189 -21.48 10.81 -7.39
C LEU B 189 -21.54 11.53 -8.73
N SER B 190 -20.70 12.54 -8.90
CA SER B 190 -20.66 13.28 -10.16
C SER B 190 -19.35 13.03 -10.89
N SER B 191 -19.33 13.33 -12.18
CA SER B 191 -18.10 13.22 -12.96
C SER B 191 -18.17 14.17 -14.14
N ARG B 192 -17.00 14.49 -14.71
CA ARG B 192 -16.97 15.38 -15.87
C ARG B 192 -16.08 14.82 -16.96
N LEU B 193 -16.47 15.08 -18.21
CA LEU B 193 -15.63 14.73 -19.35
C LEU B 193 -15.53 15.93 -20.28
N ARG B 194 -14.31 16.39 -20.53
CA ARG B 194 -14.13 17.54 -21.43
C ARG B 194 -13.44 17.14 -22.72
N VAL B 195 -14.11 17.42 -23.83
CA VAL B 195 -13.56 17.17 -25.16
C VAL B 195 -13.56 18.49 -25.91
N SER B 196 -12.84 18.55 -27.03
CA SER B 196 -12.86 19.76 -27.83
C SER B 196 -14.25 19.92 -28.47
N ALA B 197 -14.71 21.16 -28.60
CA ALA B 197 -16.06 21.44 -29.10
C ALA B 197 -16.34 20.79 -30.44
N THR B 198 -15.34 20.78 -31.32
CA THR B 198 -15.50 20.19 -32.65
C THR B 198 -15.77 18.70 -32.57
N PHE B 199 -15.13 18.03 -31.61
CA PHE B 199 -15.32 16.61 -31.42
C PHE B 199 -16.74 16.31 -30.94
N TRP B 200 -17.29 17.21 -30.14
CA TRP B 200 -18.65 17.08 -29.64
C TRP B 200 -19.69 17.39 -30.71
N GLN B 201 -19.32 18.28 -31.63
CA GLN B 201 -20.24 18.71 -32.68
C GLN B 201 -20.32 17.69 -33.82
N ASN B 202 -19.60 16.57 -33.68
CA ASN B 202 -19.64 15.51 -34.68
C ASN B 202 -20.67 14.45 -34.30
N PRO B 203 -21.74 14.33 -35.10
CA PRO B 203 -22.83 13.38 -34.88
C PRO B 203 -22.38 11.93 -34.85
N ARG B 204 -21.17 11.67 -35.32
CA ARG B 204 -20.65 10.31 -35.39
C ARG B 204 -20.04 9.87 -34.06
N ASN B 205 -19.88 10.81 -33.14
CA ASN B 205 -19.26 10.53 -31.85
C ASN B 205 -20.26 10.14 -30.76
N HIS B 206 -20.00 9.01 -30.13
CA HIS B 206 -20.87 8.50 -29.07
C HIS B 206 -20.18 8.62 -27.72
N PHE B 207 -20.92 9.10 -26.72
CA PHE B 207 -20.38 9.29 -25.38
C PHE B 207 -21.26 8.52 -24.39
N ARG B 208 -20.62 7.91 -23.40
CA ARG B 208 -21.38 7.13 -22.42
C ARG B 208 -20.77 7.15 -21.03
N CYS B 209 -21.58 7.49 -20.03
CA CYS B 209 -21.19 7.36 -18.64
C CYS B 209 -21.65 6.01 -18.12
N GLN B 210 -20.69 5.18 -17.75
CA GLN B 210 -20.95 3.82 -17.28
C GLN B 210 -20.66 3.72 -15.79
N VAL B 211 -21.65 3.23 -15.03
CA VAL B 211 -21.50 3.11 -13.59
C VAL B 211 -21.74 1.68 -13.11
N GLN B 212 -20.67 1.02 -12.69
CA GLN B 212 -20.75 -0.32 -12.13
C GLN B 212 -21.20 -0.22 -10.67
N PHE B 213 -22.23 -0.97 -10.32
CA PHE B 213 -22.76 -0.99 -8.96
C PHE B 213 -22.62 -2.36 -8.36
N TYR B 214 -22.25 -2.42 -7.09
CA TYR B 214 -22.15 -3.69 -6.38
C TYR B 214 -23.18 -3.78 -5.27
N GLY B 215 -24.03 -4.80 -5.34
CA GLY B 215 -25.08 -5.00 -4.37
C GLY B 215 -25.33 -6.46 -4.08
N LEU B 216 -26.57 -6.89 -4.25
CA LEU B 216 -26.97 -8.24 -3.89
C LEU B 216 -26.58 -9.26 -4.97
N SER B 217 -26.56 -10.53 -4.58
CA SER B 217 -26.36 -11.62 -5.51
C SER B 217 -27.71 -12.25 -5.83
N GLU B 218 -27.76 -13.06 -6.88
CA GLU B 218 -29.01 -13.70 -7.29
C GLU B 218 -29.61 -14.56 -6.16
N ASN B 219 -28.74 -15.27 -5.45
CA ASN B 219 -29.19 -16.13 -4.35
C ASN B 219 -29.39 -15.38 -3.03
N ASP B 220 -29.96 -14.18 -3.11
CA ASP B 220 -30.29 -13.40 -1.92
C ASP B 220 -31.80 -13.24 -1.75
N GLU B 221 -32.28 -13.46 -0.54
CA GLU B 221 -33.71 -13.40 -0.25
C GLU B 221 -34.27 -11.98 -0.34
N TRP B 222 -34.84 -11.65 -1.49
CA TRP B 222 -35.50 -10.37 -1.69
C TRP B 222 -37.00 -10.54 -1.52
N THR B 223 -37.59 -9.80 -0.58
CA THR B 223 -38.99 -9.98 -0.23
C THR B 223 -39.82 -8.74 -0.53
N GLN B 224 -39.33 -7.89 -1.41
CA GLN B 224 -39.99 -6.61 -1.67
C GLN B 224 -40.64 -6.51 -3.04
N ASP B 225 -41.36 -5.40 -3.24
CA ASP B 225 -41.99 -5.12 -4.52
C ASP B 225 -41.04 -4.27 -5.35
N ARG B 226 -39.98 -3.81 -4.71
CA ARG B 226 -38.93 -3.05 -5.39
C ARG B 226 -38.19 -3.91 -6.38
N ALA B 227 -37.64 -3.29 -7.41
CA ALA B 227 -36.70 -3.98 -8.29
C ALA B 227 -35.49 -4.36 -7.43
N LYS B 228 -35.21 -5.66 -7.37
CA LYS B 228 -34.16 -6.21 -6.53
C LYS B 228 -32.80 -5.59 -6.88
N PRO B 229 -32.20 -4.89 -5.90
CA PRO B 229 -30.96 -4.13 -6.09
C PRO B 229 -29.74 -5.02 -6.28
N VAL B 230 -29.78 -5.86 -7.31
CA VAL B 230 -28.70 -6.80 -7.61
C VAL B 230 -27.49 -6.04 -8.15
N THR B 231 -26.34 -6.71 -8.18
CA THR B 231 -25.13 -6.13 -8.77
C THR B 231 -25.31 -5.94 -10.27
N GLN B 232 -25.04 -4.74 -10.76
CA GLN B 232 -25.35 -4.39 -12.13
C GLN B 232 -24.58 -3.17 -12.62
N ILE B 233 -24.63 -2.96 -13.93
CA ILE B 233 -24.03 -1.78 -14.55
C ILE B 233 -25.13 -0.89 -15.14
N VAL B 234 -25.19 0.35 -14.65
CA VAL B 234 -26.18 1.31 -15.16
C VAL B 234 -25.48 2.38 -15.99
N SER B 235 -26.00 2.63 -17.19
CA SER B 235 -25.36 3.56 -18.11
C SER B 235 -26.28 4.67 -18.59
N ALA B 236 -25.68 5.79 -18.97
CA ALA B 236 -26.41 6.85 -19.66
C ALA B 236 -25.58 7.31 -20.85
N GLU B 237 -26.24 7.68 -21.93
CA GLU B 237 -25.53 7.98 -23.17
C GLU B 237 -25.84 9.36 -23.72
N ALA B 238 -25.06 9.78 -24.71
CA ALA B 238 -25.28 11.04 -25.40
C ALA B 238 -24.59 11.01 -26.76
N TRP B 239 -25.30 11.43 -27.79
CA TRP B 239 -24.73 11.55 -29.13
C TRP B 239 -24.31 12.99 -29.39
N GLY B 240 -23.22 13.16 -30.13
CA GLY B 240 -22.77 14.47 -30.51
C GLY B 240 -23.75 15.12 -31.47
N ARG B 241 -23.96 16.42 -31.31
CA ARG B 241 -24.85 17.16 -32.21
C ARG B 241 -24.21 18.48 -32.62
N ALA B 242 -24.47 18.88 -33.86
CA ALA B 242 -23.87 20.08 -34.41
C ALA B 242 -24.80 21.28 -34.28
N ASP B 243 -26.06 21.09 -34.65
CA ASP B 243 -27.07 22.16 -34.64
C ASP B 243 -26.64 23.36 -35.48
N PRO C 3 42.68 -5.90 18.82
CA PRO C 3 42.35 -6.61 17.58
C PRO C 3 41.49 -7.84 17.87
N HIS C 4 40.20 -7.61 18.07
CA HIS C 4 39.28 -8.68 18.46
C HIS C 4 38.30 -9.05 17.36
N SER C 5 37.57 -10.13 17.57
CA SER C 5 36.63 -10.63 16.56
C SER C 5 35.44 -11.35 17.19
N MET C 6 34.35 -11.41 16.42
CA MET C 6 33.17 -12.13 16.86
C MET C 6 32.54 -12.87 15.67
N ARG C 7 32.20 -14.15 15.89
CA ARG C 7 31.61 -14.96 14.84
C ARG C 7 30.38 -15.73 15.33
N TYR C 8 29.48 -16.00 14.40
CA TYR C 8 28.40 -16.94 14.63
C TYR C 8 28.33 -17.93 13.49
N TYR C 9 28.22 -19.21 13.85
CA TYR C 9 27.96 -20.27 12.89
C TYR C 9 26.61 -20.88 13.20
N GLU C 10 25.63 -20.60 12.35
CA GLU C 10 24.30 -21.18 12.48
C GLU C 10 24.12 -22.23 11.41
N THR C 11 23.87 -23.47 11.82
CA THR C 11 23.75 -24.55 10.87
C THR C 11 22.42 -25.27 11.01
N ALA C 12 21.89 -25.78 9.90
CA ALA C 12 20.73 -26.67 9.96
C ALA C 12 20.92 -27.85 9.04
N THR C 13 20.54 -29.03 9.53
CA THR C 13 20.55 -30.23 8.71
C THR C 13 19.16 -30.82 8.62
N SER C 14 18.60 -30.83 7.42
CA SER C 14 17.24 -31.32 7.21
C SER C 14 17.17 -32.83 7.37
N ARG C 15 16.08 -33.30 7.94
CA ARG C 15 15.84 -34.72 8.14
C ARG C 15 14.77 -35.20 7.18
N ARG C 16 15.00 -36.33 6.53
CA ARG C 16 13.98 -36.93 5.68
C ARG C 16 12.79 -37.33 6.53
N GLY C 17 11.60 -37.31 5.93
CA GLY C 17 10.37 -37.53 6.68
C GLY C 17 9.85 -36.21 7.19
N LEU C 18 8.81 -36.25 8.01
CA LEU C 18 8.21 -35.02 8.53
C LEU C 18 8.79 -34.61 9.89
N GLY C 19 10.11 -34.52 9.95
CA GLY C 19 10.78 -34.04 11.14
C GLY C 19 11.47 -32.72 10.85
N GLU C 20 11.40 -31.80 11.81
CA GLU C 20 12.04 -30.50 11.64
C GLU C 20 13.55 -30.66 11.60
N PRO C 21 14.23 -29.76 10.85
CA PRO C 21 15.69 -29.86 10.70
C PRO C 21 16.39 -29.71 12.05
N ARG C 22 17.60 -30.24 12.16
CA ARG C 22 18.41 -30.05 13.36
C ARG C 22 19.16 -28.72 13.24
N TYR C 23 18.85 -27.79 14.13
CA TYR C 23 19.42 -26.46 14.07
C TYR C 23 20.35 -26.18 15.26
N THR C 24 21.53 -25.66 14.96
CA THR C 24 22.45 -25.24 16.01
C THR C 24 22.97 -23.83 15.75
N SER C 25 23.32 -23.13 16.83
CA SER C 25 23.92 -21.81 16.71
C SER C 25 25.11 -21.74 17.66
N VAL C 26 26.29 -21.41 17.12
CA VAL C 26 27.49 -21.34 17.94
C VAL C 26 28.17 -19.99 17.82
N GLY C 27 28.43 -19.36 18.97
CA GLY C 27 29.06 -18.05 19.00
C GLY C 27 30.48 -18.10 19.51
N TYR C 28 31.35 -17.30 18.88
CA TYR C 28 32.75 -17.23 19.25
C TYR C 28 33.22 -15.79 19.45
N VAL C 29 33.88 -15.55 20.58
CA VAL C 29 34.61 -14.29 20.79
C VAL C 29 36.10 -14.62 20.81
N ASP C 30 36.83 -13.98 19.90
CA ASP C 30 38.25 -14.27 19.69
C ASP C 30 38.54 -15.76 19.57
N ASP C 31 37.80 -16.40 18.65
CA ASP C 31 37.92 -17.84 18.38
C ASP C 31 37.54 -18.74 19.57
N LYS C 32 36.93 -18.16 20.60
CA LYS C 32 36.53 -18.95 21.76
C LYS C 32 35.02 -19.03 21.90
N GLU C 33 34.49 -20.25 21.88
CA GLU C 33 33.05 -20.48 22.02
C GLU C 33 32.52 -19.93 23.34
N PHE C 34 31.51 -19.07 23.27
CA PHE C 34 30.96 -18.45 24.47
C PHE C 34 29.46 -18.68 24.65
N VAL C 35 28.77 -19.07 23.58
CA VAL C 35 27.34 -19.31 23.63
C VAL C 35 26.91 -20.38 22.61
N ARG C 36 25.85 -21.12 22.91
CA ARG C 36 25.44 -22.24 22.05
C ARG C 36 23.96 -22.60 22.13
N PHE C 37 23.36 -22.89 20.98
CA PHE C 37 21.98 -23.34 20.91
C PHE C 37 21.89 -24.66 20.14
N ASP C 38 21.03 -25.56 20.61
CA ASP C 38 20.80 -26.84 19.94
C ASP C 38 19.34 -27.24 20.05
N SER C 39 18.70 -27.47 18.90
CA SER C 39 17.28 -27.80 18.85
C SER C 39 16.99 -29.20 19.39
N ASP C 40 18.01 -30.04 19.47
CA ASP C 40 17.83 -31.40 19.97
C ASP C 40 17.79 -31.47 21.49
N ALA C 41 18.08 -30.36 22.14
CA ALA C 41 18.01 -30.30 23.60
C ALA C 41 16.57 -30.42 24.07
N GLU C 42 16.39 -31.06 25.22
CA GLU C 42 15.07 -31.24 25.81
C GLU C 42 14.34 -29.90 26.05
N ASN C 43 15.11 -28.87 26.37
CA ASN C 43 14.59 -27.51 26.53
C ASN C 43 15.52 -26.57 25.79
N PRO C 44 15.31 -26.43 24.47
CA PRO C 44 16.17 -25.65 23.58
C PRO C 44 16.28 -24.19 24.00
N ARG C 45 17.44 -23.83 24.55
CA ARG C 45 17.73 -22.46 24.93
C ARG C 45 19.13 -22.12 24.45
N TYR C 46 19.45 -20.84 24.42
CA TYR C 46 20.85 -20.44 24.26
C TYR C 46 21.51 -20.64 25.61
N GLU C 47 22.73 -21.15 25.60
CA GLU C 47 23.44 -21.43 26.84
C GLU C 47 24.84 -20.84 26.83
N PRO C 48 25.26 -20.29 27.97
CA PRO C 48 26.63 -19.79 28.13
C PRO C 48 27.61 -20.95 28.21
N GLN C 49 28.72 -20.85 27.49
CA GLN C 49 29.73 -21.90 27.45
C GLN C 49 31.01 -21.42 28.10
N VAL C 50 30.89 -20.36 28.88
CA VAL C 50 32.06 -19.66 29.41
C VAL C 50 31.65 -18.94 30.71
N PRO C 51 32.58 -18.83 31.68
CA PRO C 51 32.28 -18.20 32.97
C PRO C 51 31.71 -16.79 32.91
N TRP C 52 32.27 -15.92 32.07
CA TRP C 52 31.86 -14.52 32.04
C TRP C 52 30.50 -14.27 31.38
N MET C 53 29.96 -15.28 30.69
CA MET C 53 28.69 -15.12 29.99
C MET C 53 27.48 -15.15 30.91
N GLU C 54 27.60 -15.86 32.03
CA GLU C 54 26.46 -16.04 32.93
C GLU C 54 26.22 -14.86 33.88
N GLN C 55 26.87 -13.74 33.63
CA GLN C 55 26.56 -12.52 34.37
C GLN C 55 25.60 -11.67 33.54
N GLU C 56 24.93 -12.32 32.59
CA GLU C 56 23.91 -11.68 31.77
C GLU C 56 22.53 -12.02 32.34
N GLY C 57 21.63 -11.06 32.28
CA GLY C 57 20.28 -11.25 32.80
C GLY C 57 19.48 -12.28 32.02
N PRO C 58 18.35 -12.72 32.58
CA PRO C 58 17.50 -13.75 31.96
C PRO C 58 16.82 -13.24 30.69
N GLU C 59 16.54 -11.94 30.65
CA GLU C 59 15.90 -11.30 29.50
C GLU C 59 16.74 -11.46 28.24
N TYR C 60 18.04 -11.33 28.41
CA TYR C 60 19.01 -11.54 27.34
C TYR C 60 18.83 -12.92 26.71
N TRP C 61 18.92 -13.93 27.57
CA TRP C 61 18.82 -15.33 27.14
C TRP C 61 17.49 -15.63 26.46
N GLU C 62 16.40 -15.13 27.04
CA GLU C 62 15.07 -15.30 26.44
C GLU C 62 15.00 -14.68 25.04
N ARG C 63 15.45 -13.43 24.95
CA ARG C 63 15.45 -12.69 23.69
C ARG C 63 16.20 -13.46 22.58
N ILE C 64 17.47 -13.75 22.84
CA ILE C 64 18.26 -14.44 21.83
C ILE C 64 17.75 -15.85 21.52
N THR C 65 17.11 -16.48 22.51
CA THR C 65 16.48 -17.79 22.28
C THR C 65 15.33 -17.67 21.27
N GLN C 66 14.48 -16.66 21.45
CA GLN C 66 13.42 -16.39 20.48
C GLN C 66 14.00 -16.16 19.09
N ILE C 67 15.08 -15.38 19.05
CA ILE C 67 15.82 -15.20 17.80
C ILE C 67 16.18 -16.54 17.16
N ALA C 68 16.66 -17.47 17.99
CA ALA C 68 16.99 -18.81 17.52
C ALA C 68 15.79 -19.53 16.92
N LYS C 69 14.62 -19.39 17.55
CA LYS C 69 13.39 -19.98 17.02
C LYS C 69 13.11 -19.49 15.59
N GLY C 70 13.06 -18.16 15.46
CA GLY C 70 12.86 -17.55 14.15
C GLY C 70 13.84 -18.10 13.13
N GLN C 71 15.10 -18.25 13.56
CA GLN C 71 16.13 -18.82 12.72
C GLN C 71 15.82 -20.25 12.26
N GLU C 72 15.27 -21.06 13.16
CA GLU C 72 14.82 -22.41 12.80
C GLU C 72 13.85 -22.32 11.63
N GLN C 73 12.88 -21.41 11.75
CA GLN C 73 11.97 -21.17 10.62
C GLN C 73 12.69 -20.84 9.31
N TRP C 74 13.58 -19.86 9.38
CA TRP C 74 14.34 -19.44 8.19
C TRP C 74 15.05 -20.60 7.52
N PHE C 75 15.73 -21.42 8.31
CA PHE C 75 16.48 -22.55 7.77
C PHE C 75 15.58 -23.60 7.13
N ARG C 76 14.46 -23.92 7.77
CA ARG C 76 13.55 -24.91 7.19
C ARG C 76 12.99 -24.43 5.84
N VAL C 77 12.66 -23.14 5.75
CA VAL C 77 12.17 -22.59 4.48
C VAL C 77 13.25 -22.59 3.37
N ASN C 78 14.43 -22.08 3.71
CA ASN C 78 15.48 -21.93 2.71
C ASN C 78 16.13 -23.24 2.26
N LEU C 79 16.09 -24.26 3.10
CA LEU C 79 16.52 -25.59 2.66
C LEU C 79 15.61 -26.07 1.52
N ARG C 80 14.31 -25.82 1.67
CA ARG C 80 13.35 -26.10 0.60
C ARG C 80 13.70 -25.33 -0.65
N THR C 81 13.94 -24.02 -0.48
CA THR C 81 14.34 -23.19 -1.62
C THR C 81 15.53 -23.76 -2.39
N LEU C 82 16.59 -24.09 -1.66
CA LEU C 82 17.79 -24.67 -2.27
C LEU C 82 17.50 -26.01 -2.97
N LEU C 83 16.71 -26.84 -2.32
CA LEU C 83 16.21 -28.08 -2.91
C LEU C 83 15.64 -27.79 -4.28
N GLY C 84 14.84 -26.72 -4.37
CA GLY C 84 14.27 -26.30 -5.63
C GLY C 84 15.30 -25.85 -6.65
N TYR C 85 16.19 -24.94 -6.24
CA TYR C 85 17.23 -24.39 -7.13
C TYR C 85 18.07 -25.48 -7.78
N TYR C 86 18.45 -26.48 -6.99
CA TYR C 86 19.38 -27.50 -7.47
C TYR C 86 18.72 -28.73 -8.09
N ASN C 87 17.39 -28.72 -8.17
CA ASN C 87 16.65 -29.81 -8.78
C ASN C 87 16.94 -31.15 -8.13
N GLN C 88 16.92 -31.18 -6.79
CA GLN C 88 17.30 -32.37 -6.04
C GLN C 88 16.09 -33.10 -5.49
N SER C 89 16.20 -34.42 -5.39
CA SER C 89 15.15 -35.26 -4.82
C SER C 89 14.85 -34.87 -3.38
N ALA C 90 13.58 -34.94 -3.00
CA ALA C 90 13.14 -34.47 -1.69
C ALA C 90 13.41 -35.47 -0.57
N GLY C 91 13.98 -36.62 -0.91
CA GLY C 91 14.24 -37.65 0.07
C GLY C 91 15.58 -37.50 0.76
N GLY C 92 16.45 -36.69 0.17
CA GLY C 92 17.80 -36.52 0.67
C GLY C 92 17.90 -35.75 1.97
N THR C 93 19.10 -35.75 2.55
CA THR C 93 19.40 -34.91 3.70
C THR C 93 20.35 -33.83 3.24
N HIS C 94 20.21 -32.62 3.78
CA HIS C 94 21.06 -31.51 3.35
C HIS C 94 21.39 -30.59 4.52
N THR C 95 22.50 -29.87 4.39
CA THR C 95 22.90 -28.90 5.39
C THR C 95 22.99 -27.51 4.80
N LEU C 96 22.63 -26.51 5.60
CA LEU C 96 22.76 -25.11 5.21
C LEU C 96 23.44 -24.38 6.35
N GLN C 97 24.47 -23.59 6.03
CA GLN C 97 25.21 -22.87 7.06
C GLN C 97 25.35 -21.38 6.79
N TRP C 98 25.16 -20.61 7.85
CA TRP C 98 25.29 -19.17 7.84
C TRP C 98 26.39 -18.77 8.83
N MET C 99 27.51 -18.30 8.31
CA MET C 99 28.55 -17.76 9.18
C MET C 99 28.57 -16.25 9.03
N TYR C 100 28.63 -15.53 10.15
CA TYR C 100 28.68 -14.07 10.06
C TYR C 100 29.41 -13.46 11.24
N GLY C 101 29.87 -12.22 11.08
CA GLY C 101 30.49 -11.57 12.21
C GLY C 101 31.35 -10.36 11.89
N CYS C 102 32.18 -9.96 12.84
CA CYS C 102 32.95 -8.73 12.69
C CYS C 102 34.33 -8.77 13.33
N ASP C 103 35.30 -8.21 12.62
CA ASP C 103 36.64 -7.96 13.13
C ASP C 103 36.74 -6.49 13.48
N VAL C 104 37.03 -6.24 14.76
CA VAL C 104 37.14 -4.89 15.31
C VAL C 104 38.58 -4.62 15.76
N GLY C 105 39.15 -3.52 15.30
CA GLY C 105 40.55 -3.23 15.55
C GLY C 105 40.86 -2.78 16.98
N SER C 106 42.12 -2.45 17.23
CA SER C 106 42.57 -1.98 18.53
C SER C 106 41.85 -0.68 18.91
N ASP C 107 41.48 0.09 17.89
CA ASP C 107 40.77 1.34 18.10
C ASP C 107 39.36 1.07 18.62
N GLY C 108 38.69 0.12 17.99
CA GLY C 108 37.30 -0.17 18.30
C GLY C 108 36.47 -0.05 17.05
N ARG C 109 37.15 0.08 15.92
CA ARG C 109 36.48 0.24 14.63
C ARG C 109 36.32 -1.06 13.88
N LEU C 110 35.23 -1.16 13.13
CA LEU C 110 34.98 -2.31 12.28
C LEU C 110 36.10 -2.45 11.26
N LEU C 111 36.97 -3.42 11.47
CA LEU C 111 38.02 -3.73 10.50
C LEU C 111 37.43 -4.52 9.34
N ARG C 112 36.64 -5.54 9.66
CA ARG C 112 36.05 -6.38 8.60
C ARG C 112 34.66 -6.93 8.94
N GLY C 113 33.82 -7.08 7.92
CA GLY C 113 32.52 -7.71 8.09
C GLY C 113 32.44 -9.04 7.38
N TYR C 114 31.69 -9.98 7.94
CA TYR C 114 31.55 -11.29 7.33
C TYR C 114 30.10 -11.72 7.23
N GLU C 115 29.71 -12.18 6.03
CA GLU C 115 28.38 -12.66 5.74
C GLU C 115 28.48 -13.77 4.70
N GLN C 116 28.44 -15.03 5.14
CA GLN C 116 28.72 -16.17 4.26
C GLN C 116 27.70 -17.30 4.40
N PHE C 117 27.35 -17.91 3.27
CA PHE C 117 26.37 -18.99 3.23
C PHE C 117 26.92 -20.16 2.43
N ALA C 118 26.85 -21.35 3.02
CA ALA C 118 27.31 -22.57 2.37
C ALA C 118 26.23 -23.64 2.36
N TYR C 119 26.16 -24.40 1.28
CA TYR C 119 25.17 -25.46 1.13
C TYR C 119 25.83 -26.80 0.88
N ASP C 120 25.50 -27.79 1.72
CA ASP C 120 26.08 -29.12 1.65
C ASP C 120 27.61 -29.10 1.64
N GLY C 121 28.19 -28.22 2.44
CA GLY C 121 29.63 -28.14 2.57
C GLY C 121 30.28 -27.15 1.62
N CYS C 122 29.65 -26.92 0.47
CA CYS C 122 30.21 -26.05 -0.56
C CYS C 122 29.77 -24.60 -0.37
N ASP C 123 30.68 -23.66 -0.63
CA ASP C 123 30.36 -22.25 -0.58
C ASP C 123 29.21 -21.93 -1.52
N TYR C 124 28.23 -21.18 -1.04
CA TYR C 124 27.08 -20.80 -1.86
C TYR C 124 27.19 -19.33 -2.25
N ILE C 125 27.14 -18.44 -1.26
CA ILE C 125 27.29 -17.02 -1.55
C ILE C 125 28.00 -16.30 -0.41
N ALA C 126 28.82 -15.29 -0.73
CA ALA C 126 29.55 -14.59 0.33
C ALA C 126 29.70 -13.10 0.06
N LEU C 127 29.67 -12.31 1.12
CA LEU C 127 29.84 -10.87 1.00
C LEU C 127 31.31 -10.51 0.85
N ASN C 128 31.64 -9.81 -0.23
CA ASN C 128 33.02 -9.39 -0.48
C ASN C 128 33.50 -8.36 0.54
N GLU C 129 34.81 -8.19 0.63
CA GLU C 129 35.45 -7.32 1.62
C GLU C 129 34.88 -5.88 1.65
N ASP C 130 34.46 -5.39 0.48
CA ASP C 130 33.89 -4.04 0.40
C ASP C 130 32.52 -3.93 1.05
N LEU C 131 31.96 -5.06 1.46
CA LEU C 131 30.66 -5.14 2.11
C LEU C 131 29.50 -4.60 1.27
N ARG C 132 29.68 -4.61 -0.05
CA ARG C 132 28.61 -4.18 -0.96
C ARG C 132 28.54 -5.05 -2.20
N THR C 133 29.46 -6.02 -2.31
CA THR C 133 29.46 -6.93 -3.45
C THR C 133 29.38 -8.38 -2.98
N TRP C 134 28.82 -9.24 -3.81
CA TRP C 134 28.72 -10.66 -3.48
C TRP C 134 29.50 -11.52 -4.46
N THR C 135 30.10 -12.59 -3.94
CA THR C 135 30.66 -13.65 -4.76
C THR C 135 29.68 -14.83 -4.73
N ALA C 136 29.28 -15.26 -5.93
CA ALA C 136 28.33 -16.35 -6.09
C ALA C 136 29.02 -17.55 -6.73
N ALA C 137 28.95 -18.69 -6.05
CA ALA C 137 29.63 -19.89 -6.49
C ALA C 137 29.11 -20.39 -7.85
N ASP C 138 27.83 -20.73 -7.89
CA ASP C 138 27.22 -21.23 -9.12
C ASP C 138 26.06 -20.36 -9.59
N MET C 139 25.29 -20.86 -10.55
CA MET C 139 24.14 -20.13 -11.09
C MET C 139 22.99 -20.03 -10.10
N ALA C 140 22.77 -21.11 -9.35
CA ALA C 140 21.79 -21.13 -8.28
C ALA C 140 22.10 -19.98 -7.33
N ALA C 141 23.39 -19.77 -7.08
CA ALA C 141 23.87 -18.66 -6.28
C ALA C 141 23.71 -17.34 -7.00
N GLN C 142 23.79 -17.37 -8.34
CA GLN C 142 23.61 -16.15 -9.13
C GLN C 142 22.19 -15.61 -8.98
N ILE C 143 21.23 -16.52 -8.86
CA ILE C 143 19.84 -16.13 -8.63
C ILE C 143 19.71 -15.33 -7.32
N THR C 144 20.24 -15.91 -6.24
CA THR C 144 20.27 -15.24 -4.94
C THR C 144 20.97 -13.90 -5.03
N ARG C 145 22.10 -13.86 -5.74
CA ARG C 145 22.86 -12.62 -5.89
C ARG C 145 22.02 -11.54 -6.58
N ARG C 146 21.24 -11.96 -7.57
CA ARG C 146 20.34 -11.02 -8.27
C ARG C 146 19.29 -10.47 -7.31
N LYS C 147 18.55 -11.37 -6.65
CA LYS C 147 17.51 -10.97 -5.71
C LYS C 147 18.06 -10.02 -4.64
N TRP C 148 19.15 -10.43 -4.01
CA TRP C 148 19.77 -9.66 -2.94
C TRP C 148 20.31 -8.32 -3.42
N GLU C 149 20.75 -8.27 -4.67
CA GLU C 149 21.20 -7.01 -5.25
C GLU C 149 20.02 -6.06 -5.49
N GLN C 150 18.87 -6.60 -5.83
CA GLN C 150 17.68 -5.76 -6.02
C GLN C 150 17.08 -5.32 -4.68
N ALA C 151 17.21 -6.16 -3.66
CA ALA C 151 16.59 -5.89 -2.37
C ALA C 151 17.50 -5.05 -1.48
N GLY C 152 18.76 -4.91 -1.88
CA GLY C 152 19.73 -4.21 -1.08
C GLY C 152 20.05 -4.95 0.19
N ALA C 153 20.37 -6.24 0.06
CA ALA C 153 20.65 -7.09 1.21
C ALA C 153 21.89 -6.63 1.97
N ALA C 154 22.89 -6.14 1.24
CA ALA C 154 24.15 -5.71 1.84
C ALA C 154 23.98 -4.55 2.82
N GLU C 155 23.11 -3.61 2.46
CA GLU C 155 22.78 -2.49 3.34
C GLU C 155 22.20 -3.03 4.64
N TYR C 156 21.25 -3.95 4.49
CA TYR C 156 20.57 -4.59 5.61
C TYR C 156 21.53 -5.31 6.55
N TYR C 157 22.37 -6.18 6.00
CA TYR C 157 23.36 -6.90 6.80
C TYR C 157 24.33 -5.93 7.44
N ARG C 158 24.64 -4.84 6.72
CA ARG C 158 25.56 -3.82 7.22
C ARG C 158 24.98 -3.12 8.44
N ALA C 159 23.66 -3.01 8.50
CA ALA C 159 23.01 -2.48 9.69
C ALA C 159 23.42 -3.24 10.95
N TYR C 160 23.54 -4.56 10.83
CA TYR C 160 24.00 -5.39 11.94
C TYR C 160 25.51 -5.30 12.12
N LEU C 161 26.24 -5.56 11.03
CA LEU C 161 27.70 -5.63 11.05
C LEU C 161 28.33 -4.36 11.63
N GLU C 162 27.80 -3.21 11.26
CA GLU C 162 28.36 -1.93 11.68
C GLU C 162 27.78 -1.43 13.00
N GLY C 163 26.72 -2.07 13.46
CA GLY C 163 26.06 -1.65 14.68
C GLY C 163 26.21 -2.61 15.84
N GLU C 164 25.24 -3.51 15.97
CA GLU C 164 25.15 -4.41 17.11
C GLU C 164 26.36 -5.34 17.28
N CYS C 165 26.97 -5.71 16.16
CA CYS C 165 28.11 -6.61 16.17
C CYS C 165 29.26 -6.02 17.00
N VAL C 166 29.65 -4.80 16.66
CA VAL C 166 30.75 -4.11 17.34
C VAL C 166 30.42 -3.83 18.81
N GLU C 167 29.26 -3.25 19.06
CA GLU C 167 28.83 -2.89 20.41
C GLU C 167 28.75 -4.09 21.34
N TRP C 168 28.10 -5.15 20.88
CA TRP C 168 28.00 -6.39 21.64
C TRP C 168 29.36 -7.03 21.85
N LEU C 169 30.21 -6.99 20.83
CA LEU C 169 31.57 -7.48 20.95
C LEU C 169 32.30 -6.76 22.09
N HIS C 170 32.13 -5.44 22.14
CA HIS C 170 32.75 -4.65 23.21
C HIS C 170 32.20 -5.00 24.60
N ARG C 171 30.87 -5.11 24.70
CA ARG C 171 30.23 -5.50 25.96
C ARG C 171 30.75 -6.87 26.42
N TYR C 172 31.05 -7.73 25.45
CA TYR C 172 31.55 -9.06 25.76
C TYR C 172 33.03 -9.04 26.16
N LEU C 173 33.78 -8.09 25.62
CA LEU C 173 35.19 -7.95 25.97
C LEU C 173 35.34 -7.39 27.38
N LYS C 174 34.50 -6.42 27.74
CA LYS C 174 34.47 -5.89 29.09
C LYS C 174 34.33 -6.98 30.13
N ASN C 175 33.52 -7.98 29.82
CA ASN C 175 33.24 -9.10 30.73
C ASN C 175 34.43 -10.02 30.94
N GLY C 176 35.42 -9.93 30.07
CA GLY C 176 36.63 -10.75 30.19
C GLY C 176 37.66 -10.11 31.10
N SER D 1 25.63 -11.03 20.38
CA SER D 1 24.20 -11.27 20.15
C SER D 1 23.92 -11.62 18.70
N PRO D 2 23.07 -12.64 18.47
CA PRO D 2 22.68 -13.11 17.14
C PRO D 2 22.11 -12.01 16.26
N ALA D 3 22.26 -12.18 14.95
CA ALA D 3 21.79 -11.19 13.98
C ALA D 3 20.33 -11.40 13.65
N PRO D 4 19.67 -10.36 13.10
CA PRO D 4 18.29 -10.54 12.63
C PRO D 4 18.23 -11.54 11.47
N ARG D 5 17.02 -12.01 11.16
CA ARG D 5 16.82 -13.02 10.12
C ARG D 5 17.39 -12.57 8.77
N PRO D 6 18.12 -13.47 8.09
CA PRO D 6 18.64 -13.17 6.76
C PRO D 6 17.51 -13.05 5.76
N LEU D 7 17.82 -12.54 4.57
CA LEU D 7 16.84 -12.57 3.48
C LEU D 7 16.75 -14.00 2.98
N ASP D 8 15.62 -14.35 2.39
CA ASP D 8 15.48 -15.67 1.79
C ASP D 8 16.38 -15.78 0.57
N LEU D 9 16.87 -16.98 0.31
CA LEU D 9 17.74 -17.22 -0.84
C LEU D 9 16.92 -17.25 -2.13
#